data_5OWD
#
_entry.id   5OWD
#
_cell.length_a   65.750
_cell.length_b   65.750
_cell.length_c   262.970
_cell.angle_alpha   90.00
_cell.angle_beta   90.00
_cell.angle_gamma   120.00
#
_symmetry.space_group_name_H-M   'P 65 2 2'
#
loop_
_entity.id
_entity.type
_entity.pdbx_description
1 polymer 'Vitamin D3 receptor A'
2 polymer 'Nuclear receptor coactivator 1'
3 non-polymer (1~{S},3~{Z})-3-[(2~{E})-2-[(1~{S},3~{a}~{S},7~{a}~{S})-7~{a}-methyl-1-[(2~{S})-6-methyl-2-oxidanyl-hept-5-en-2-yl]-2,3,3~{a},5,6,7-hexahydro-1~{H}-inden-4-ylidene]ethylidene]-4-methylidene-cyclohexan-1-ol
4 water water
#
loop_
_entity_poly.entity_id
_entity_poly.type
_entity_poly.pdbx_seq_one_letter_code
_entity_poly.pdbx_strand_id
1 'polypeptide(L)'
;GSHMLSDEQMQIINSLVEAHHKTYDDSYSDFVRFRPPVREGPVTRSASRAASLHSLSDASSDSFNHSPESVDTKLNFSNL
LMMYQDSGSPDSSEEDQQSRLSMLPHLADLVSYSIQKVIGFAKMIPGFRDLTAEDQIALLKSSAIEIIMLRSNQSFSLED
MSWSCGGPDFKYCINDVTKAGHTLELLEPLVKFQVGLKKLKLHEEEHVLLMAICLLSPDRPGVQDHVRIEALQDRLCDVL
QAYIRIQHPGGRLLYAKMIQKLADLRSLNEEHSKQYRSLSFQPEHSMQLTPLVLEVFGSEVS
;
A
2 'polypeptide(L)' RHKILHRLLQEGSPS B
#
loop_
_chem_comp.id
_chem_comp.type
_chem_comp.name
_chem_comp.formula
B0B non-polymer (1~{S},3~{Z})-3-[(2~{E})-2-[(1~{S},3~{a}~{S},7~{a}~{S})-7~{a}-methyl-1-[(2~{S})-6-methyl-2-oxidanyl-hept-5-en-2-yl]-2,3,3~{a},5,6,7-hexahydro-1~{H}-inden-4-ylidene]ethylidene]-4-methylidene-cyclohexan-1-ol 'C27 H42 O2'
#
# COMPACT_ATOMS: atom_id res chain seq x y z
N MET A 4 -15.94 25.46 -2.70
CA MET A 4 -14.52 25.82 -2.62
C MET A 4 -13.79 25.14 -1.43
N LEU A 5 -12.49 24.82 -1.61
CA LEU A 5 -11.59 24.17 -0.64
C LEU A 5 -10.78 25.20 0.17
N SER A 6 -10.60 24.97 1.48
CA SER A 6 -9.85 25.86 2.37
C SER A 6 -8.33 25.67 2.24
N ASP A 7 -7.54 26.55 2.90
CA ASP A 7 -6.07 26.50 2.90
C ASP A 7 -5.53 25.30 3.66
N GLU A 8 -6.12 24.98 4.83
CA GLU A 8 -5.75 23.84 5.66
C GLU A 8 -5.96 22.52 4.88
N GLN A 9 -7.05 22.43 4.09
CA GLN A 9 -7.36 21.25 3.26
C GLN A 9 -6.38 21.16 2.08
N MET A 10 -6.01 22.34 1.53
CA MET A 10 -5.06 22.44 0.41
C MET A 10 -3.64 22.03 0.86
N GLN A 11 -3.18 22.53 2.02
CA GLN A 11 -1.88 22.20 2.63
C GLN A 11 -1.76 20.69 2.84
N ILE A 12 -2.89 19.99 3.17
CA ILE A 12 -2.95 18.53 3.36
C ILE A 12 -2.70 17.85 2.03
N ILE A 13 -3.41 18.31 0.97
CA ILE A 13 -3.23 17.77 -0.37
C ILE A 13 -1.77 17.97 -0.80
N ASN A 14 -1.24 19.21 -0.65
CA ASN A 14 0.15 19.54 -0.99
C ASN A 14 1.14 18.61 -0.28
N SER A 15 0.93 18.38 1.03
CA SER A 15 1.81 17.51 1.82
C SER A 15 1.78 16.07 1.31
N LEU A 16 0.57 15.56 0.97
CA LEU A 16 0.42 14.17 0.51
C LEU A 16 0.98 13.92 -0.88
N VAL A 17 0.80 14.88 -1.82
CA VAL A 17 1.30 14.72 -3.19
C VAL A 17 2.85 14.75 -3.14
N GLU A 18 3.42 15.69 -2.35
CA GLU A 18 4.86 15.85 -2.14
C GLU A 18 5.44 14.53 -1.58
N ALA A 19 4.80 13.98 -0.53
CA ALA A 19 5.13 12.71 0.11
C ALA A 19 5.17 11.57 -0.94
N HIS A 20 4.13 11.46 -1.79
CA HIS A 20 4.09 10.43 -2.83
C HIS A 20 5.16 10.62 -3.90
N HIS A 21 5.40 11.87 -4.35
CA HIS A 21 6.44 12.13 -5.34
C HIS A 21 7.86 11.81 -4.80
N LYS A 22 8.05 11.95 -3.48
CA LYS A 22 9.32 11.66 -2.84
C LYS A 22 9.51 10.16 -2.62
N THR A 23 8.43 9.36 -2.60
CA THR A 23 8.54 7.92 -2.28
C THR A 23 8.19 6.97 -3.45
N TYR A 24 7.55 7.45 -4.50
CA TYR A 24 7.26 6.58 -5.63
C TYR A 24 8.16 6.98 -6.77
N ASP A 25 9.14 6.12 -7.06
CA ASP A 25 10.08 6.33 -8.15
C ASP A 25 9.51 5.77 -9.47
N ASP A 26 9.05 6.68 -10.32
CA ASP A 26 8.47 6.42 -11.64
C ASP A 26 9.47 5.82 -12.62
N SER A 27 10.79 5.93 -12.35
CA SER A 27 11.82 5.37 -13.24
C SER A 27 12.01 3.87 -12.99
N TYR A 28 11.67 3.38 -11.76
CA TYR A 28 11.83 1.98 -11.30
C TYR A 28 13.29 1.56 -11.40
N SER A 29 14.20 2.55 -11.37
CA SER A 29 15.66 2.39 -11.52
C SER A 29 16.31 1.45 -10.50
N ASP A 30 15.76 1.38 -9.28
CA ASP A 30 16.28 0.51 -8.23
C ASP A 30 15.95 -0.99 -8.41
N PHE A 31 15.02 -1.33 -9.33
CA PHE A 31 14.57 -2.72 -9.57
C PHE A 31 15.71 -3.64 -10.01
N VAL A 32 16.74 -3.09 -10.66
CA VAL A 32 17.91 -3.86 -11.11
C VAL A 32 18.75 -4.37 -9.90
N ARG A 33 18.61 -3.73 -8.72
CA ARG A 33 19.31 -4.09 -7.48
C ARG A 33 18.64 -5.27 -6.76
N PHE A 34 17.44 -5.67 -7.21
CA PHE A 34 16.74 -6.80 -6.60
C PHE A 34 17.34 -8.12 -7.10
N ARG A 35 17.10 -9.24 -6.38
CA ARG A 35 17.48 -10.58 -6.84
C ARG A 35 16.73 -10.75 -8.16
N PRO A 36 17.34 -11.24 -9.25
CA PRO A 36 16.63 -11.23 -10.54
C PRO A 36 15.36 -12.08 -10.62
N PRO A 37 14.38 -11.69 -11.45
CA PRO A 37 13.18 -12.52 -11.61
C PRO A 37 13.52 -13.81 -12.36
N VAL A 38 12.91 -14.94 -11.99
CA VAL A 38 13.16 -16.23 -12.66
C VAL A 38 11.81 -16.78 -13.14
N ARG A 39 11.67 -16.99 -14.46
CA ARG A 39 10.44 -17.50 -15.08
C ARG A 39 10.73 -18.77 -15.88
N LEU A 101 9.42 -21.99 -6.23
CA LEU A 101 8.90 -20.62 -6.23
C LEU A 101 9.98 -19.67 -6.78
N SER A 102 10.25 -19.80 -8.06
CA SER A 102 11.28 -19.07 -8.79
C SER A 102 11.16 -17.57 -8.72
N MET A 103 9.93 -17.04 -8.66
CA MET A 103 9.68 -15.58 -8.59
C MET A 103 9.73 -14.99 -7.17
N LEU A 104 9.69 -15.86 -6.14
CA LEU A 104 9.70 -15.43 -4.74
C LEU A 104 10.90 -14.55 -4.40
N PRO A 105 12.18 -14.87 -4.74
CA PRO A 105 13.27 -13.93 -4.39
C PRO A 105 13.08 -12.51 -4.95
N HIS A 106 12.70 -12.38 -6.24
CA HIS A 106 12.50 -11.06 -6.85
C HIS A 106 11.34 -10.28 -6.24
N LEU A 107 10.20 -10.97 -6.00
CA LEU A 107 8.98 -10.31 -5.46
C LEU A 107 9.11 -10.00 -3.96
N ALA A 108 9.93 -10.77 -3.22
CA ALA A 108 10.21 -10.49 -1.81
C ALA A 108 11.01 -9.17 -1.74
N ASP A 109 12.02 -9.02 -2.65
CA ASP A 109 12.84 -7.80 -2.75
C ASP A 109 11.99 -6.63 -3.22
N LEU A 110 11.05 -6.87 -4.17
CA LEU A 110 10.11 -5.85 -4.61
C LEU A 110 9.22 -5.35 -3.43
N VAL A 111 8.56 -6.27 -2.68
CA VAL A 111 7.72 -5.94 -1.53
C VAL A 111 8.51 -5.20 -0.40
N SER A 112 9.70 -5.68 -0.06
CA SER A 112 10.57 -5.08 0.97
C SER A 112 10.89 -3.62 0.61
N TYR A 113 11.32 -3.38 -0.61
CA TYR A 113 11.60 -2.05 -1.12
C TYR A 113 10.33 -1.18 -1.04
N SER A 114 9.18 -1.75 -1.46
CA SER A 114 7.90 -1.02 -1.43
C SER A 114 7.49 -0.67 0.04
N ILE A 115 7.77 -1.59 1.01
CA ILE A 115 7.54 -1.34 2.43
C ILE A 115 8.33 -0.11 2.90
N GLN A 116 9.61 0.00 2.51
CA GLN A 116 10.44 1.14 2.87
C GLN A 116 9.80 2.41 2.35
N LYS A 117 9.27 2.37 1.10
CA LYS A 117 8.58 3.53 0.49
C LYS A 117 7.32 3.92 1.24
N VAL A 118 6.53 2.92 1.68
CA VAL A 118 5.27 3.09 2.43
C VAL A 118 5.63 3.74 3.79
N ILE A 119 6.77 3.33 4.40
CA ILE A 119 7.24 3.92 5.66
C ILE A 119 7.56 5.41 5.39
N GLY A 120 8.33 5.69 4.34
CA GLY A 120 8.68 7.06 3.94
C GLY A 120 7.47 7.96 3.74
N PHE A 121 6.43 7.45 3.04
CA PHE A 121 5.18 8.20 2.79
C PHE A 121 4.45 8.51 4.10
N ALA A 122 4.22 7.45 4.93
CA ALA A 122 3.50 7.52 6.19
C ALA A 122 4.09 8.61 7.11
N LYS A 123 5.44 8.68 7.24
CA LYS A 123 6.16 9.67 8.05
C LYS A 123 5.88 11.10 7.61
N MET A 124 5.51 11.28 6.33
CA MET A 124 5.21 12.59 5.75
C MET A 124 3.71 12.97 5.81
N ILE A 125 2.85 12.03 6.24
CA ILE A 125 1.42 12.25 6.42
C ILE A 125 1.23 13.15 7.67
N PRO A 126 0.59 14.34 7.54
CA PRO A 126 0.43 15.19 8.74
C PRO A 126 -0.29 14.48 9.88
N GLY A 127 0.38 14.41 11.03
CA GLY A 127 -0.20 13.76 12.20
C GLY A 127 0.33 12.37 12.49
N PHE A 128 0.70 11.58 11.46
CA PHE A 128 1.22 10.22 11.65
C PHE A 128 2.46 10.20 12.56
N ARG A 129 3.40 11.12 12.33
CA ARG A 129 4.64 11.21 13.12
C ARG A 129 4.39 11.61 14.59
N ASP A 130 3.22 12.21 14.89
CA ASP A 130 2.84 12.63 16.24
C ASP A 130 2.27 11.46 17.06
N LEU A 131 1.87 10.37 16.39
CA LEU A 131 1.36 9.16 17.06
C LEU A 131 2.51 8.45 17.77
N THR A 132 2.19 7.57 18.76
CA THR A 132 3.22 6.78 19.45
C THR A 132 3.88 5.87 18.43
N ALA A 133 5.12 5.41 18.73
CA ALA A 133 5.87 4.46 17.92
C ALA A 133 5.05 3.17 17.76
N GLU A 134 4.40 2.71 18.86
CA GLU A 134 3.54 1.52 18.90
C GLU A 134 2.32 1.69 17.96
N ASP A 135 1.68 2.88 17.94
CA ASP A 135 0.55 3.13 17.02
C ASP A 135 1.02 3.18 15.57
N GLN A 136 2.18 3.84 15.34
CA GLN A 136 2.77 3.94 14.01
C GLN A 136 3.04 2.53 13.45
N ILE A 137 3.57 1.61 14.29
CA ILE A 137 3.88 0.21 13.91
C ILE A 137 2.61 -0.57 13.65
N ALA A 138 1.62 -0.47 14.59
CA ALA A 138 0.35 -1.17 14.45
C ALA A 138 -0.32 -0.83 13.11
N LEU A 139 -0.38 0.47 12.77
CA LEU A 139 -0.95 0.91 11.49
C LEU A 139 -0.25 0.35 10.27
N LEU A 140 1.09 0.36 10.29
CA LEU A 140 1.91 -0.10 9.18
C LEU A 140 1.84 -1.60 8.96
N LYS A 141 1.86 -2.38 10.05
CA LYS A 141 1.82 -3.85 9.95
C LYS A 141 0.48 -4.30 9.40
N SER A 142 -0.57 -3.65 9.84
CA SER A 142 -1.90 -3.97 9.35
C SER A 142 -2.19 -3.44 7.95
N SER A 143 -1.66 -2.26 7.58
CA SER A 143 -2.02 -1.66 6.30
C SER A 143 -1.02 -1.76 5.17
N ALA A 144 0.24 -2.13 5.47
CA ALA A 144 1.31 -2.23 4.47
C ALA A 144 0.90 -2.94 3.19
N ILE A 145 0.35 -4.17 3.29
CA ILE A 145 -0.05 -4.92 2.10
C ILE A 145 -1.13 -4.16 1.29
N GLU A 146 -2.06 -3.50 1.98
CA GLU A 146 -3.12 -2.73 1.30
C GLU A 146 -2.53 -1.50 0.58
N ILE A 147 -1.58 -0.75 1.24
CA ILE A 147 -0.92 0.40 0.61
C ILE A 147 -0.12 -0.04 -0.61
N ILE A 148 0.55 -1.23 -0.53
CA ILE A 148 1.34 -1.82 -1.62
C ILE A 148 0.42 -2.06 -2.83
N MET A 149 -0.73 -2.72 -2.59
CA MET A 149 -1.77 -2.99 -3.60
C MET A 149 -2.31 -1.69 -4.23
N LEU A 150 -2.51 -0.63 -3.42
CA LEU A 150 -2.97 0.69 -3.89
C LEU A 150 -1.90 1.37 -4.75
N ARG A 151 -0.70 1.56 -4.20
CA ARG A 151 0.38 2.21 -4.92
C ARG A 151 0.79 1.45 -6.21
N SER A 152 0.61 0.09 -6.24
CA SER A 152 0.94 -0.73 -7.42
C SER A 152 0.05 -0.42 -8.61
N ASN A 153 -1.14 0.18 -8.35
CA ASN A 153 -2.04 0.56 -9.43
C ASN A 153 -1.39 1.47 -10.46
N GLN A 154 -0.41 2.30 -10.02
CA GLN A 154 0.33 3.24 -10.89
C GLN A 154 1.11 2.50 -11.97
N SER A 155 1.54 1.24 -11.74
CA SER A 155 2.25 0.49 -12.78
C SER A 155 1.31 -0.45 -13.54
N PHE A 156 0.07 -0.61 -13.04
CA PHE A 156 -0.90 -1.54 -13.65
C PHE A 156 -1.39 -1.09 -15.00
N SER A 157 -1.55 -2.04 -15.93
CA SER A 157 -1.99 -1.78 -17.30
C SER A 157 -3.18 -2.66 -17.71
N LEU A 158 -4.29 -2.00 -18.09
CA LEU A 158 -5.52 -2.65 -18.52
C LEU A 158 -5.32 -3.50 -19.77
N GLU A 159 -4.47 -3.02 -20.71
CA GLU A 159 -4.12 -3.70 -21.96
C GLU A 159 -3.47 -5.07 -21.76
N ASP A 160 -2.60 -5.22 -20.75
CA ASP A 160 -1.88 -6.47 -20.48
C ASP A 160 -2.35 -7.25 -19.23
N MET A 161 -3.17 -6.62 -18.35
CA MET A 161 -3.62 -7.18 -17.06
C MET A 161 -2.40 -7.57 -16.25
N SER A 162 -1.42 -6.64 -16.23
CA SER A 162 -0.12 -6.84 -15.59
C SER A 162 0.49 -5.52 -15.10
N TRP A 163 1.42 -5.61 -14.15
CA TRP A 163 2.11 -4.45 -13.61
C TRP A 163 3.40 -4.29 -14.45
N SER A 164 3.56 -3.17 -15.17
CA SER A 164 4.74 -2.97 -16.02
C SER A 164 5.68 -1.93 -15.43
N CYS A 165 6.91 -2.33 -15.05
CA CYS A 165 7.86 -1.40 -14.42
C CYS A 165 9.16 -1.22 -15.18
N GLY A 166 9.08 -0.81 -16.44
CA GLY A 166 10.24 -0.62 -17.29
C GLY A 166 10.28 -1.65 -18.40
N GLY A 167 11.35 -2.44 -18.44
CA GLY A 167 11.52 -3.47 -19.47
C GLY A 167 10.65 -4.70 -19.27
N PRO A 168 10.78 -5.74 -20.16
CA PRO A 168 9.98 -6.97 -19.98
C PRO A 168 10.38 -7.81 -18.76
N ASP A 169 11.56 -7.51 -18.18
CA ASP A 169 12.07 -8.18 -16.98
C ASP A 169 11.21 -7.82 -15.78
N PHE A 170 10.76 -6.54 -15.73
CA PHE A 170 9.98 -6.00 -14.63
C PHE A 170 8.49 -5.81 -14.99
N LYS A 171 7.99 -6.69 -15.86
CA LYS A 171 6.57 -6.76 -16.22
C LYS A 171 6.03 -8.03 -15.53
N TYR A 172 5.15 -7.86 -14.51
CA TYR A 172 4.60 -9.00 -13.75
C TYR A 172 3.15 -9.30 -14.08
N CYS A 173 2.89 -10.53 -14.55
CA CYS A 173 1.55 -10.99 -14.86
C CYS A 173 1.05 -11.86 -13.71
N ILE A 174 -0.17 -12.42 -13.85
CA ILE A 174 -0.79 -13.30 -12.85
C ILE A 174 0.09 -14.55 -12.60
N ASN A 175 0.68 -15.11 -13.69
CA ASN A 175 1.53 -16.30 -13.62
C ASN A 175 2.83 -16.10 -12.82
N ASP A 176 3.46 -14.90 -12.96
CA ASP A 176 4.67 -14.57 -12.22
C ASP A 176 4.39 -14.60 -10.71
N VAL A 177 3.21 -14.14 -10.30
CA VAL A 177 2.85 -14.10 -8.88
C VAL A 177 2.52 -15.50 -8.33
N THR A 178 2.10 -16.46 -9.21
CA THR A 178 1.84 -17.85 -8.78
C THR A 178 3.15 -18.52 -8.47
N LYS A 179 4.23 -18.09 -9.17
CA LYS A 179 5.61 -18.58 -8.98
C LYS A 179 6.25 -17.91 -7.72
N ALA A 180 5.44 -17.25 -6.88
CA ALA A 180 5.89 -16.66 -5.62
C ALA A 180 5.04 -17.24 -4.46
N GLY A 181 4.28 -18.29 -4.76
CA GLY A 181 3.44 -19.02 -3.81
C GLY A 181 2.03 -18.53 -3.58
N HIS A 182 1.51 -17.65 -4.44
CA HIS A 182 0.14 -17.20 -4.30
N THR A 183 -2.02 -18.15 -4.84
CA THR A 183 -3.03 -18.85 -5.62
C THR A 183 -4.03 -17.86 -6.25
N LEU A 184 -4.89 -18.36 -7.18
CA LEU A 184 -5.90 -17.55 -7.84
C LEU A 184 -6.97 -17.02 -6.86
N GLU A 185 -7.07 -17.61 -5.64
CA GLU A 185 -7.98 -17.18 -4.59
C GLU A 185 -7.60 -15.76 -4.12
N LEU A 186 -6.34 -15.34 -4.32
CA LEU A 186 -5.87 -14.00 -4.01
C LEU A 186 -5.67 -13.19 -5.30
N LEU A 187 -5.05 -13.80 -6.33
CA LEU A 187 -4.70 -13.14 -7.57
C LEU A 187 -5.89 -12.79 -8.47
N GLU A 188 -6.99 -13.55 -8.42
CA GLU A 188 -8.17 -13.20 -9.20
C GLU A 188 -8.85 -11.96 -8.56
N PRO A 189 -9.14 -11.87 -7.22
CA PRO A 189 -9.70 -10.62 -6.69
C PRO A 189 -8.75 -9.40 -6.77
N LEU A 190 -7.42 -9.62 -6.74
CA LEU A 190 -6.42 -8.58 -6.82
C LEU A 190 -6.38 -7.93 -8.21
N VAL A 191 -6.37 -8.72 -9.28
CA VAL A 191 -6.37 -8.24 -10.67
C VAL A 191 -7.69 -7.50 -10.94
N LYS A 192 -8.81 -8.07 -10.43
CA LYS A 192 -10.14 -7.48 -10.56
C LYS A 192 -10.20 -6.14 -9.79
N PHE A 193 -9.47 -6.04 -8.65
CA PHE A 193 -9.37 -4.80 -7.86
C PHE A 193 -8.58 -3.76 -8.65
N GLN A 194 -7.42 -4.17 -9.22
CA GLN A 194 -6.54 -3.28 -10.02
C GLN A 194 -7.28 -2.68 -11.23
N VAL A 195 -8.10 -3.50 -11.95
CA VAL A 195 -8.90 -3.07 -13.11
C VAL A 195 -9.95 -2.02 -12.68
N GLY A 196 -10.73 -2.35 -11.64
CA GLY A 196 -11.75 -1.47 -11.08
C GLY A 196 -11.18 -0.14 -10.57
N LEU A 197 -9.99 -0.19 -9.94
CA LEU A 197 -9.27 0.98 -9.44
C LEU A 197 -8.78 1.84 -10.61
N LYS A 198 -8.19 1.20 -11.65
CA LYS A 198 -7.68 1.91 -12.82
C LYS A 198 -8.81 2.61 -13.55
N LYS A 199 -9.98 1.94 -13.65
CA LYS A 199 -11.18 2.44 -14.32
C LYS A 199 -11.75 3.72 -13.68
N LEU A 200 -11.48 3.94 -12.38
CA LEU A 200 -11.92 5.14 -11.69
C LEU A 200 -11.22 6.41 -12.20
N LYS A 201 -10.08 6.26 -12.91
CA LYS A 201 -9.29 7.38 -13.45
C LYS A 201 -9.03 8.45 -12.35
N LEU A 202 -8.52 8.01 -11.18
CA LEU A 202 -8.27 8.91 -10.05
C LEU A 202 -7.23 10.00 -10.37
N HIS A 203 -7.49 11.25 -9.93
CA HIS A 203 -6.47 12.29 -10.04
C HIS A 203 -5.37 11.86 -9.03
N GLU A 204 -4.13 12.36 -9.15
CA GLU A 204 -3.09 11.98 -8.18
C GLU A 204 -3.47 12.36 -6.72
N GLU A 205 -4.19 13.47 -6.57
CA GLU A 205 -4.68 14.03 -5.31
C GLU A 205 -5.59 13.02 -4.62
N GLU A 206 -6.45 12.34 -5.40
CA GLU A 206 -7.39 11.36 -4.90
C GLU A 206 -6.69 10.08 -4.53
N HIS A 207 -5.78 9.62 -5.41
CA HIS A 207 -4.94 8.43 -5.19
C HIS A 207 -4.13 8.54 -3.89
N VAL A 208 -3.47 9.69 -3.65
CA VAL A 208 -2.64 9.86 -2.44
C VAL A 208 -3.51 9.97 -1.18
N LEU A 209 -4.71 10.57 -1.32
CA LEU A 209 -5.64 10.71 -0.21
C LEU A 209 -6.21 9.35 0.20
N LEU A 210 -6.50 8.46 -0.77
CA LEU A 210 -7.00 7.10 -0.52
C LEU A 210 -5.93 6.28 0.21
N MET A 211 -4.64 6.41 -0.19
CA MET A 211 -3.53 5.72 0.49
C MET A 211 -3.42 6.19 1.95
N ALA A 212 -3.48 7.53 2.17
CA ALA A 212 -3.39 8.12 3.50
C ALA A 212 -4.60 7.72 4.38
N ILE A 213 -5.84 7.68 3.79
CA ILE A 213 -7.06 7.26 4.51
C ILE A 213 -6.92 5.77 4.91
N CYS A 214 -6.45 4.94 3.97
CA CYS A 214 -6.21 3.51 4.19
C CYS A 214 -5.24 3.30 5.35
N LEU A 215 -4.07 3.97 5.29
CA LEU A 215 -3.05 3.89 6.34
C LEU A 215 -3.55 4.37 7.71
N LEU A 216 -4.30 5.49 7.75
CA LEU A 216 -4.82 6.03 9.02
C LEU A 216 -6.19 5.47 9.43
N SER A 217 -6.46 4.18 9.21
CA SER A 217 -7.73 3.59 9.62
C SER A 217 -7.64 3.20 11.12
N PRO A 218 -8.47 3.75 12.02
CA PRO A 218 -8.33 3.39 13.45
C PRO A 218 -8.80 1.97 13.83
N ASP A 219 -9.56 1.31 12.93
CA ASP A 219 -10.10 -0.04 13.10
C ASP A 219 -9.10 -1.14 12.66
N ARG A 220 -7.89 -1.06 13.20
CA ARG A 220 -6.80 -2.01 12.92
C ARG A 220 -6.37 -2.64 14.23
N PRO A 221 -6.04 -3.96 14.28
CA PRO A 221 -5.57 -4.55 15.56
C PRO A 221 -4.26 -3.93 16.06
N GLY A 222 -4.13 -3.75 17.37
CA GLY A 222 -2.94 -3.16 18.00
C GLY A 222 -3.01 -1.65 18.23
N VAL A 223 -3.97 -0.97 17.57
CA VAL A 223 -4.17 0.47 17.67
C VAL A 223 -4.65 0.85 19.09
N GLN A 224 -3.98 1.85 19.69
CA GLN A 224 -4.27 2.37 21.03
C GLN A 224 -5.06 3.70 20.93
N ASP A 225 -4.47 4.74 20.34
CA ASP A 225 -5.15 6.03 20.24
C ASP A 225 -6.14 6.06 19.06
N HIS A 226 -7.26 5.33 19.20
CA HIS A 226 -8.35 5.24 18.22
C HIS A 226 -8.95 6.62 17.89
N VAL A 227 -9.20 7.44 18.94
CA VAL A 227 -9.78 8.79 18.86
C VAL A 227 -8.98 9.69 17.93
N ARG A 228 -7.67 9.84 18.19
CA ARG A 228 -6.76 10.69 17.44
C ARG A 228 -6.63 10.23 16.01
N ILE A 229 -6.48 8.91 15.80
CA ILE A 229 -6.34 8.31 14.47
C ILE A 229 -7.63 8.55 13.66
N GLU A 230 -8.80 8.34 14.30
CA GLU A 230 -10.11 8.58 13.72
C GLU A 230 -10.30 10.06 13.33
N ALA A 231 -9.84 11.02 14.18
CA ALA A 231 -9.92 12.45 13.89
C ALA A 231 -9.02 12.81 12.69
N LEU A 232 -7.85 12.15 12.56
CA LEU A 232 -6.95 12.37 11.43
C LEU A 232 -7.57 11.82 10.15
N GLN A 233 -8.18 10.60 10.23
CA GLN A 233 -8.83 9.97 9.09
C GLN A 233 -10.08 10.73 8.64
N ASP A 234 -10.92 11.20 9.60
CA ASP A 234 -12.13 11.97 9.32
C ASP A 234 -11.80 13.22 8.52
N ARG A 235 -10.71 13.93 8.93
CA ARG A 235 -10.24 15.15 8.29
C ARG A 235 -9.77 14.84 6.85
N LEU A 236 -9.08 13.71 6.63
CA LEU A 236 -8.63 13.29 5.29
C LEU A 236 -9.83 12.96 4.41
N CYS A 237 -10.83 12.23 4.95
CA CYS A 237 -12.08 11.88 4.28
C CYS A 237 -12.83 13.16 3.81
N ASP A 238 -12.92 14.19 4.68
CA ASP A 238 -13.56 15.47 4.36
C ASP A 238 -12.85 16.15 3.19
N VAL A 239 -11.51 16.16 3.21
CA VAL A 239 -10.65 16.73 2.17
C VAL A 239 -10.96 16.05 0.83
N LEU A 240 -11.05 14.70 0.82
CA LEU A 240 -11.34 13.91 -0.38
C LEU A 240 -12.71 14.24 -1.00
N GLN A 241 -13.77 14.23 -0.18
CA GLN A 241 -15.15 14.52 -0.58
C GLN A 241 -15.24 15.90 -1.22
N ALA A 242 -14.64 16.90 -0.53
CA ALA A 242 -14.65 18.28 -0.99
C ALA A 242 -13.83 18.38 -2.27
N TYR A 243 -12.69 17.67 -2.36
CA TYR A 243 -11.89 17.66 -3.60
C TYR A 243 -12.70 17.12 -4.79
N ILE A 244 -13.39 15.98 -4.60
CA ILE A 244 -14.16 15.31 -5.65
C ILE A 244 -15.29 16.19 -6.13
N ARG A 245 -16.05 16.76 -5.19
CA ARG A 245 -17.18 17.66 -5.47
C ARG A 245 -16.73 18.86 -6.31
N ILE A 246 -15.65 19.55 -5.88
CA ILE A 246 -15.22 20.78 -6.52
C ILE A 246 -14.32 20.61 -7.75
N GLN A 247 -13.39 19.65 -7.72
CA GLN A 247 -12.37 19.47 -8.75
C GLN A 247 -12.52 18.28 -9.68
N HIS A 248 -13.38 17.29 -9.35
CA HIS A 248 -13.53 16.09 -10.19
C HIS A 248 -14.85 16.16 -10.96
N PRO A 249 -14.84 16.49 -12.27
CA PRO A 249 -16.13 16.64 -12.99
C PRO A 249 -16.85 15.32 -13.26
N GLY A 250 -18.09 15.24 -12.80
CA GLY A 250 -18.94 14.06 -12.89
C GLY A 250 -18.48 12.98 -11.92
N GLY A 251 -18.09 13.42 -10.72
CA GLY A 251 -17.56 12.53 -9.69
C GLY A 251 -18.52 12.31 -8.54
N ARG A 252 -19.83 12.54 -8.77
CA ARG A 252 -20.89 12.41 -7.77
C ARG A 252 -20.97 11.04 -7.09
N LEU A 253 -20.54 9.97 -7.77
CA LEU A 253 -20.59 8.61 -7.22
C LEU A 253 -19.22 8.06 -6.84
N LEU A 254 -18.16 8.86 -7.10
CA LEU A 254 -16.76 8.50 -6.89
C LEU A 254 -16.38 8.25 -5.43
N TYR A 255 -16.74 9.15 -4.49
CA TYR A 255 -16.36 8.96 -3.09
C TYR A 255 -16.85 7.62 -2.56
N ALA A 256 -18.13 7.26 -2.87
CA ALA A 256 -18.74 5.98 -2.50
C ALA A 256 -17.93 4.80 -3.07
N LYS A 257 -17.49 4.93 -4.34
CA LYS A 257 -16.70 3.93 -5.09
C LYS A 257 -15.31 3.72 -4.49
N MET A 258 -14.68 4.80 -4.02
CA MET A 258 -13.35 4.77 -3.42
C MET A 258 -13.41 4.13 -2.05
N ILE A 259 -14.48 4.39 -1.29
CA ILE A 259 -14.72 3.77 0.01
C ILE A 259 -15.01 2.26 -0.14
N GLN A 260 -15.68 1.85 -1.25
CA GLN A 260 -15.91 0.42 -1.52
C GLN A 260 -14.56 -0.28 -1.74
N LYS A 261 -13.62 0.38 -2.47
CA LYS A 261 -12.26 -0.14 -2.71
C LYS A 261 -11.51 -0.39 -1.39
N LEU A 262 -11.73 0.47 -0.37
CA LEU A 262 -11.14 0.31 0.96
C LEU A 262 -11.66 -0.95 1.61
N ALA A 263 -12.93 -1.31 1.38
CA ALA A 263 -13.53 -2.53 1.90
C ALA A 263 -12.95 -3.74 1.14
N ASP A 264 -12.73 -3.59 -0.17
CA ASP A 264 -12.16 -4.65 -1.02
C ASP A 264 -10.76 -5.01 -0.55
N LEU A 265 -9.99 -3.99 -0.11
CA LEU A 265 -8.63 -4.14 0.41
C LEU A 265 -8.57 -4.94 1.69
N ARG A 266 -9.58 -4.80 2.55
CA ARG A 266 -9.67 -5.55 3.80
C ARG A 266 -9.79 -7.05 3.50
N SER A 267 -10.60 -7.41 2.49
CA SER A 267 -10.81 -8.77 2.00
C SER A 267 -9.53 -9.32 1.35
N LEU A 268 -8.81 -8.50 0.56
CA LEU A 268 -7.56 -8.88 -0.07
C LEU A 268 -6.44 -9.05 0.98
N ASN A 269 -6.47 -8.24 2.04
CA ASN A 269 -5.51 -8.31 3.13
C ASN A 269 -5.71 -9.66 3.83
N GLU A 270 -6.99 -10.05 4.11
CA GLU A 270 -7.37 -11.30 4.78
C GLU A 270 -6.84 -12.51 4.04
N GLU A 271 -7.11 -12.56 2.71
CA GLU A 271 -6.65 -13.64 1.83
C GLU A 271 -5.11 -13.68 1.76
N HIS A 272 -4.45 -12.50 1.64
CA HIS A 272 -2.99 -12.43 1.63
C HIS A 272 -2.37 -12.95 2.94
N SER A 273 -2.94 -12.55 4.09
CA SER A 273 -2.46 -12.95 5.42
C SER A 273 -2.55 -14.48 5.56
N LYS A 274 -3.66 -15.06 5.09
CA LYS A 274 -3.89 -16.51 5.08
C LYS A 274 -2.78 -17.18 4.26
N GLN A 275 -2.56 -16.71 3.01
CA GLN A 275 -1.56 -17.24 2.07
C GLN A 275 -0.12 -17.05 2.54
N TYR A 276 0.15 -15.92 3.23
CA TYR A 276 1.44 -15.56 3.79
C TYR A 276 1.85 -16.57 4.86
N ARG A 277 0.92 -16.96 5.74
CA ARG A 277 1.10 -17.99 6.78
C ARG A 277 1.63 -19.27 6.13
N SER A 278 1.06 -19.66 4.96
CA SER A 278 1.51 -20.85 4.22
C SER A 278 2.98 -20.79 3.82
N LEU A 279 3.49 -19.63 3.35
CA LEU A 279 4.91 -19.61 3.01
C LEU A 279 5.79 -19.35 4.24
N SER A 280 5.33 -18.51 5.19
CA SER A 280 6.08 -18.23 6.41
C SER A 280 6.25 -19.49 7.29
N PHE A 281 5.31 -20.45 7.20
CA PHE A 281 5.42 -21.69 7.95
C PHE A 281 6.37 -22.72 7.31
N GLN A 282 6.81 -22.49 6.05
CA GLN A 282 7.76 -23.42 5.39
C GLN A 282 9.10 -22.70 5.36
N PRO A 283 10.03 -23.03 6.31
CA PRO A 283 11.31 -22.31 6.36
C PRO A 283 12.11 -22.24 5.06
N GLU A 284 11.97 -23.21 4.12
CA GLU A 284 12.67 -23.15 2.82
C GLU A 284 12.15 -22.00 1.95
N HIS A 285 10.90 -21.54 2.20
CA HIS A 285 10.31 -20.40 1.51
C HIS A 285 10.54 -19.15 2.34
N SER A 286 10.30 -19.22 3.67
CA SER A 286 10.45 -18.03 4.52
C SER A 286 11.90 -17.48 4.52
N MET A 287 12.89 -18.35 4.33
CA MET A 287 14.30 -17.96 4.29
C MET A 287 14.60 -17.08 3.06
N GLN A 288 13.72 -17.13 2.03
CA GLN A 288 13.86 -16.36 0.78
C GLN A 288 13.32 -14.94 0.94
N LEU A 289 12.61 -14.68 2.04
CA LEU A 289 12.05 -13.36 2.31
C LEU A 289 13.13 -12.42 2.84
N THR A 290 12.81 -11.14 3.04
CA THR A 290 13.81 -10.23 3.60
C THR A 290 13.49 -10.04 5.09
N PRO A 291 14.48 -9.64 5.93
CA PRO A 291 14.17 -9.35 7.35
C PRO A 291 13.06 -8.31 7.53
N LEU A 292 12.95 -7.31 6.64
CA LEU A 292 11.87 -6.29 6.76
C LEU A 292 10.48 -6.88 6.48
N VAL A 293 10.39 -7.77 5.46
CA VAL A 293 9.13 -8.40 5.09
C VAL A 293 8.68 -9.27 6.30
N LEU A 294 9.59 -10.04 6.87
CA LEU A 294 9.32 -10.92 8.01
C LEU A 294 8.80 -10.19 9.22
N GLU A 295 9.37 -9.03 9.50
CA GLU A 295 9.01 -8.19 10.63
C GLU A 295 7.64 -7.51 10.40
N VAL A 296 7.44 -6.93 9.21
CA VAL A 296 6.20 -6.22 8.88
C VAL A 296 5.01 -7.18 8.68
N PHE A 297 5.20 -8.32 7.97
CA PHE A 297 4.10 -9.28 7.80
C PHE A 297 4.02 -10.29 8.98
N GLY A 298 4.91 -10.13 9.96
CA GLY A 298 5.00 -10.98 11.16
C GLY A 298 3.83 -10.79 12.09
N SER A 299 3.66 -11.74 13.00
CA SER A 299 2.56 -11.77 13.96
C SER A 299 2.89 -11.18 15.34
N GLU A 300 4.10 -10.60 15.48
CA GLU A 300 4.57 -10.01 16.75
C GLU A 300 3.79 -8.75 17.12
N VAL A 301 3.53 -8.60 18.42
CA VAL A 301 2.78 -7.50 18.99
C VAL A 301 3.68 -6.66 19.92
N SER A 302 3.61 -5.30 19.79
CA SER A 302 4.34 -4.31 20.60
C SER A 302 4.06 -4.42 22.09
N ARG B 1 12.03 -5.73 20.08
CA ARG B 1 10.98 -6.03 19.09
C ARG B 1 10.87 -4.95 18.02
N HIS B 2 10.54 -5.35 16.76
CA HIS B 2 10.33 -4.46 15.61
C HIS B 2 11.53 -3.52 15.34
N LYS B 3 12.73 -4.09 15.46
CA LYS B 3 14.04 -3.45 15.32
C LYS B 3 14.15 -2.57 14.04
N ILE B 4 13.82 -3.14 12.86
CA ILE B 4 13.92 -2.42 11.59
C ILE B 4 12.90 -1.29 11.55
N LEU B 5 11.63 -1.60 11.85
CA LEU B 5 10.53 -0.63 11.87
C LEU B 5 10.85 0.58 12.76
N HIS B 6 11.31 0.34 14.02
CA HIS B 6 11.68 1.41 14.96
C HIS B 6 12.74 2.32 14.39
N ARG B 7 13.78 1.73 13.77
CA ARG B 7 14.85 2.48 13.13
C ARG B 7 14.35 3.27 11.93
N LEU B 8 13.55 2.65 11.05
CA LEU B 8 13.04 3.35 9.86
C LEU B 8 12.06 4.47 10.21
N LEU B 9 11.38 4.36 11.36
CA LEU B 9 10.43 5.38 11.82
C LEU B 9 11.10 6.58 12.49
N GLN B 10 12.44 6.57 12.66
CA GLN B 10 13.22 7.63 13.31
C GLN B 10 13.32 8.91 12.47
N GLU B 11 14.51 9.27 11.95
CA GLU B 11 14.70 10.51 11.18
C GLU B 11 15.58 10.29 9.94
C4 B0B C . 4.47 -2.97 -7.78
C5 B0B C . 5.27 -2.18 -8.79
C6 B0B C . 5.22 -0.68 -8.57
C7 B0B C . 3.88 -4.15 -8.13
C8 B0B C . 4.93 -3.33 -5.38
C10 B0B C . 3.09 -4.93 -7.25
C11 B0B C . 2.60 -6.16 -7.48
C12 B0B C . 1.72 -6.86 -6.47
C13 B0B C . 2.49 -8.06 -5.85
C14 B0B C . 2.87 -9.01 -7.01
C15 B0B C . 3.65 -8.34 -8.14
C1 B0B C . 5.53 -0.35 -7.12
C2 B0B C . 4.55 -1.02 -6.15
C3 B0B C . 4.62 -2.50 -6.37
O9 B0B C . 3.91 -0.19 -8.94
C16 B0B C . 2.96 -7.06 -8.64
C17 B0B C . 1.36 -8.59 -4.90
C18 B0B C . 0.77 -7.29 -4.25
C19 B0B C . 1.10 -6.14 -5.24
C20 B0B C . 1.62 -9.75 -3.85
C21 B0B C . 2.59 -9.37 -2.72
C22 B0B C . 0.30 -10.30 -3.31
C23 B0B C . 3.00 -10.47 -1.72
O24 B0B C . 2.25 -10.81 -4.59
C25 B0B C . 4.20 -11.22 -2.20
C26 B0B C . 5.37 -11.45 -1.63
C27 B0B C . 6.45 -12.20 -2.35
C28 B0B C . 5.74 -11.02 -0.24
C29 B0B C . 3.77 -7.58 -5.11
#